data_9DQR
#
_entry.id   9DQR
#
_cell.length_a   98.622
_cell.length_b   44.668
_cell.length_c   126.433
_cell.angle_alpha   90.000
_cell.angle_beta   107.111
_cell.angle_gamma   90.000
#
_symmetry.space_group_name_H-M   'C 1 2 1'
#
loop_
_entity.id
_entity.type
_entity.pdbx_description
1 polymer '2OG-Fe dioxygenase family protein'
2 non-polymer 'SUCCINIC ACID'
3 non-polymer oxovanadium(2+)
4 water water
#
_entity_poly.entity_id   1
_entity_poly.type   'polypeptide(L)'
_entity_poly.pdbx_seq_one_letter_code
;MQTEAREELRANGYSLLPADRLVIDAELRQHVKELAAEWENLETDRYLKGGSRFRERAYDRFFFVPRTGEVRLRPHRPYF
QSMNANDYAGGIDRDVAPLSRTTLANPLLTRLLRADFENFPVPEESWLDDPWDVQCHQFRIISTPDETGEPTPEGPHRDE
VDFGVIHLMGRFNAAGGESQVYSLERELVAEFCLTEQMDTMFWSDGQILHAVRPIHPVDPTKAAVRDVLIMGYKHEPELR
REEQGAAHHHHHH
;
_entity_poly.pdbx_strand_id   A,B
#
# COMPACT_ATOMS: atom_id res chain seq x y z
N GLN A 2 10.60 -19.23 -4.60
CA GLN A 2 11.25 -19.33 -3.29
C GLN A 2 12.66 -18.70 -3.34
N THR A 3 13.39 -18.92 -4.45
CA THR A 3 14.74 -18.33 -4.56
C THR A 3 14.67 -16.81 -4.61
N GLU A 4 13.79 -16.27 -5.44
CA GLU A 4 13.59 -14.82 -5.49
C GLU A 4 13.08 -14.28 -4.17
N ALA A 5 12.18 -15.01 -3.49
CA ALA A 5 11.69 -14.52 -2.20
C ALA A 5 12.81 -14.48 -1.18
N ARG A 6 13.64 -15.52 -1.13
CA ARG A 6 14.74 -15.51 -0.17
C ARG A 6 15.66 -14.33 -0.42
N GLU A 7 15.93 -14.04 -1.69
CA GLU A 7 16.82 -12.92 -1.98
C GLU A 7 16.15 -11.59 -1.65
N GLU A 8 14.85 -11.49 -1.87
CA GLU A 8 14.15 -10.26 -1.51
C GLU A 8 14.12 -10.06 0.00
N LEU A 9 14.02 -11.15 0.78
CA LEU A 9 14.16 -10.99 2.23
C LEU A 9 15.57 -10.52 2.56
N ARG A 10 16.59 -11.10 1.94
CA ARG A 10 17.96 -10.69 2.26
C ARG A 10 18.16 -9.21 1.93
N ALA A 11 17.76 -8.79 0.74
CA ALA A 11 18.01 -7.41 0.32
C ALA A 11 17.07 -6.41 0.97
N ASN A 12 15.76 -6.74 1.07
CA ASN A 12 14.74 -5.76 1.47
C ASN A 12 14.05 -6.06 2.78
N GLY A 13 14.20 -7.27 3.33
CA GLY A 13 13.56 -7.63 4.59
C GLY A 13 12.16 -8.20 4.47
N TYR A 14 11.55 -8.21 3.27
CA TYR A 14 10.18 -8.69 3.09
C TYR A 14 10.00 -9.05 1.62
N SER A 15 8.99 -9.85 1.34
CA SER A 15 8.72 -10.29 -0.02
C SER A 15 7.22 -10.52 -0.14
N LEU A 16 6.62 -10.06 -1.24
CA LEU A 16 5.17 -10.16 -1.41
C LEU A 16 4.80 -11.25 -2.39
N LEU A 17 3.72 -11.96 -2.12
CA LEU A 17 3.29 -13.05 -3.00
C LEU A 17 1.76 -13.00 -3.15
N PRO A 18 1.27 -12.30 -4.18
CA PRO A 18 -0.17 -12.18 -4.36
C PRO A 18 -0.75 -13.51 -4.83
N ALA A 19 -2.01 -13.73 -4.48
CA ALA A 19 -2.65 -15.03 -4.77
C ALA A 19 -2.77 -15.28 -6.26
N ASP A 20 -2.81 -14.20 -7.04
CA ASP A 20 -3.09 -14.27 -8.48
C ASP A 20 -2.13 -15.22 -9.22
N ARG A 21 -0.87 -15.33 -8.78
CA ARG A 21 0.00 -16.33 -9.41
C ARG A 21 -0.26 -17.70 -8.78
N LEU A 22 -1.17 -18.45 -9.40
CA LEU A 22 -1.69 -19.73 -8.93
C LEU A 22 -2.23 -19.62 -7.52
N VAL A 23 -3.56 -19.55 -7.41
CA VAL A 23 -4.22 -19.63 -6.11
C VAL A 23 -4.58 -21.07 -5.76
N ILE A 24 -5.11 -21.86 -6.70
CA ILE A 24 -5.61 -23.18 -6.36
C ILE A 24 -6.22 -23.97 -7.52
N ASP A 25 -5.97 -25.27 -7.53
CA ASP A 25 -6.89 -26.23 -8.15
C ASP A 25 -8.10 -26.45 -7.24
N ALA A 26 -8.98 -27.36 -7.67
CA ALA A 26 -10.23 -27.58 -6.96
C ALA A 26 -10.00 -28.02 -5.51
N GLU A 27 -9.11 -29.00 -5.30
CA GLU A 27 -8.90 -29.52 -3.95
C GLU A 27 -8.34 -28.45 -3.03
N LEU A 28 -7.27 -27.79 -3.47
CA LEU A 28 -6.68 -26.73 -2.67
C LEU A 28 -7.71 -25.66 -2.36
N ARG A 29 -8.46 -25.24 -3.39
CA ARG A 29 -9.49 -24.22 -3.24
C ARG A 29 -10.43 -24.53 -2.09
N GLN A 30 -10.89 -25.78 -2.02
CA GLN A 30 -11.84 -26.16 -0.99
C GLN A 30 -11.22 -26.10 0.41
N HIS A 31 -9.99 -26.57 0.55
CA HIS A 31 -9.28 -26.44 1.82
C HIS A 31 -9.13 -25.00 2.23
N VAL A 32 -8.85 -24.11 1.28
CA VAL A 32 -8.70 -22.70 1.62
C VAL A 32 -10.02 -22.16 2.17
N LYS A 33 -11.13 -22.47 1.49
CA LYS A 33 -12.44 -22.05 1.99
C LYS A 33 -12.71 -22.60 3.38
N GLU A 34 -12.43 -23.89 3.59
CA GLU A 34 -12.63 -24.50 4.90
C GLU A 34 -11.76 -23.83 5.95
N LEU A 35 -10.51 -23.52 5.60
CA LEU A 35 -9.65 -22.85 6.57
C LEU A 35 -10.19 -21.46 6.85
N ALA A 36 -10.46 -20.68 5.79
CA ALA A 36 -10.94 -19.31 6.03
C ALA A 36 -12.22 -19.28 6.85
N ALA A 37 -13.07 -20.30 6.73
CA ALA A 37 -14.33 -20.34 7.49
C ALA A 37 -14.13 -20.42 9.00
N GLU A 38 -12.96 -20.91 9.46
CA GLU A 38 -12.70 -20.98 10.91
C GLU A 38 -12.74 -19.61 11.56
N TRP A 39 -12.46 -18.55 10.80
CA TRP A 39 -12.45 -17.22 11.41
C TRP A 39 -13.85 -16.77 11.83
N GLU A 40 -14.90 -17.44 11.36
CA GLU A 40 -16.27 -17.16 11.81
C GLU A 40 -16.53 -17.61 13.24
N ASN A 41 -15.64 -18.40 13.83
CA ASN A 41 -15.89 -19.08 15.10
C ASN A 41 -14.79 -18.83 16.12
N LEU A 42 -14.23 -17.63 16.14
CA LEU A 42 -13.11 -17.33 17.01
C LEU A 42 -13.62 -16.74 18.31
N GLU A 43 -12.84 -16.95 19.37
CA GLU A 43 -13.22 -16.40 20.65
C GLU A 43 -12.91 -14.90 20.70
N THR A 44 -13.90 -14.16 21.18
CA THR A 44 -13.81 -12.73 21.47
C THR A 44 -12.71 -12.43 22.47
N ASP A 45 -11.53 -12.02 21.98
CA ASP A 45 -10.33 -11.90 22.79
C ASP A 45 -9.31 -10.96 22.14
N ARG A 53 -10.65 -1.75 18.63
CA ARG A 53 -12.10 -1.79 18.77
C ARG A 53 -12.60 -3.22 19.07
N PHE A 54 -12.29 -4.17 18.18
CA PHE A 54 -12.77 -5.54 18.34
C PHE A 54 -11.76 -6.48 17.68
N ARG A 55 -11.30 -7.45 18.43
CA ARG A 55 -10.31 -8.38 17.91
C ARG A 55 -10.68 -9.74 18.45
N GLU A 56 -10.71 -10.74 17.56
CA GLU A 56 -10.98 -12.13 17.92
C GLU A 56 -9.79 -12.97 17.44
N ARG A 57 -9.40 -13.99 18.21
CA ARG A 57 -8.17 -14.65 17.84
C ARG A 57 -8.09 -16.05 18.47
N ALA A 58 -7.19 -16.84 17.91
CA ALA A 58 -6.89 -18.18 18.41
C ALA A 58 -5.38 -18.35 18.19
N TYR A 59 -4.76 -19.31 18.90
CA TYR A 59 -3.32 -19.39 18.92
C TYR A 59 -2.88 -20.83 19.22
N ASP A 60 -1.79 -21.26 18.59
CA ASP A 60 -1.08 -22.44 19.09
C ASP A 60 0.37 -22.35 18.60
N ARG A 61 1.19 -23.28 19.11
CA ARG A 61 2.62 -23.32 18.81
C ARG A 61 2.94 -24.73 18.38
N PHE A 62 3.88 -24.84 17.41
CA PHE A 62 4.28 -26.10 16.81
C PHE A 62 5.79 -26.24 16.92
N PHE A 63 6.20 -27.47 17.21
CA PHE A 63 7.58 -27.91 17.05
C PHE A 63 7.74 -28.35 15.59
N PHE A 64 8.76 -27.82 14.88
CA PHE A 64 8.89 -28.07 13.45
C PHE A 64 10.36 -28.37 13.14
N VAL A 65 10.62 -29.46 12.42
CA VAL A 65 11.98 -29.78 11.98
C VAL A 65 12.01 -29.64 10.46
N PRO A 66 12.63 -28.61 9.92
CA PRO A 66 12.51 -28.41 8.48
C PRO A 66 13.03 -29.60 7.66
N ARG A 67 14.15 -30.20 8.07
CA ARG A 67 14.72 -31.32 7.30
C ARG A 67 13.69 -32.43 7.07
N THR A 68 13.00 -32.84 8.14
CA THR A 68 12.05 -33.95 8.03
C THR A 68 10.62 -33.52 7.73
N GLY A 69 10.30 -32.26 7.89
CA GLY A 69 8.91 -31.87 7.82
C GLY A 69 8.07 -32.26 9.02
N GLU A 70 8.71 -32.79 10.08
CA GLU A 70 7.99 -33.13 11.30
C GLU A 70 7.36 -31.88 11.92
N VAL A 71 6.07 -31.97 12.24
CA VAL A 71 5.33 -30.89 12.89
C VAL A 71 4.57 -31.52 14.07
N ARG A 72 4.79 -31.00 15.27
CA ARG A 72 4.10 -31.47 16.47
C ARG A 72 3.36 -30.28 17.09
N LEU A 73 2.12 -30.46 17.50
CA LEU A 73 1.42 -29.42 18.24
C LEU A 73 1.93 -29.38 19.68
N ARG A 74 2.47 -28.23 20.11
CA ARG A 74 2.95 -28.15 21.48
C ARG A 74 1.78 -28.04 22.47
N PRO A 75 1.93 -28.63 23.66
CA PRO A 75 0.87 -28.54 24.69
C PRO A 75 0.53 -27.10 25.00
N HIS A 76 -0.76 -26.85 25.21
CA HIS A 76 -1.27 -25.53 25.56
C HIS A 76 -0.70 -25.10 26.92
N ARG A 77 -0.15 -23.88 26.98
CA ARG A 77 0.43 -23.40 28.24
C ARG A 77 -0.56 -22.44 28.87
N PRO A 78 -1.19 -22.78 30.01
CA PRO A 78 -2.28 -21.94 30.53
C PRO A 78 -1.80 -20.54 30.87
N TYR A 79 -2.64 -19.57 30.50
CA TYR A 79 -2.33 -18.17 30.80
C TYR A 79 -2.10 -17.96 32.30
N PHE A 80 -2.91 -18.60 33.14
CA PHE A 80 -2.73 -18.41 34.58
C PHE A 80 -1.39 -18.92 35.02
N GLN A 81 -0.88 -19.96 34.37
CA GLN A 81 0.41 -20.49 34.76
C GLN A 81 1.51 -19.49 34.40
N SER A 82 1.54 -19.03 33.15
CA SER A 82 2.54 -18.05 32.73
C SER A 82 2.45 -16.79 33.56
N MET A 83 1.24 -16.28 33.74
CA MET A 83 1.06 -15.04 34.51
C MET A 83 1.58 -15.20 35.93
N ASN A 84 1.25 -16.32 36.60
CA ASN A 84 1.72 -16.49 37.97
C ASN A 84 3.21 -16.81 38.04
N ALA A 85 3.77 -17.44 36.99
CA ALA A 85 5.21 -17.69 36.95
C ALA A 85 6.01 -16.50 36.45
N ASN A 86 5.34 -15.46 35.98
CA ASN A 86 5.97 -14.38 35.22
C ASN A 86 6.93 -14.96 34.19
N ASP A 87 6.38 -15.84 33.34
CA ASP A 87 7.20 -16.57 32.38
C ASP A 87 6.26 -17.11 31.29
N TYR A 88 6.27 -16.45 30.14
CA TYR A 88 5.46 -16.86 29.00
C TYR A 88 6.19 -17.86 28.10
N ALA A 89 7.37 -18.30 28.51
CA ALA A 89 8.09 -19.38 27.80
C ALA A 89 8.27 -19.04 26.32
N GLY A 90 8.46 -17.75 26.05
CA GLY A 90 8.71 -17.29 24.70
C GLY A 90 7.48 -17.20 23.82
N GLY A 91 6.30 -17.58 24.33
CA GLY A 91 5.05 -17.43 23.60
C GLY A 91 4.38 -16.08 23.84
N ILE A 92 3.11 -15.98 23.42
CA ILE A 92 2.45 -14.68 23.59
C ILE A 92 2.11 -14.46 25.07
N ASP A 93 2.00 -13.19 25.44
CA ASP A 93 1.69 -12.81 26.81
C ASP A 93 0.24 -12.34 26.94
N ARG A 94 -0.64 -12.86 26.09
CA ARG A 94 -2.05 -12.58 26.12
C ARG A 94 -2.83 -13.88 26.29
N ASP A 95 -4.04 -13.73 26.78
CA ASP A 95 -4.93 -14.83 27.09
C ASP A 95 -5.71 -15.15 25.82
N VAL A 96 -5.42 -16.28 25.19
CA VAL A 96 -5.97 -16.57 23.86
C VAL A 96 -6.40 -18.04 23.81
N ALA A 97 -7.51 -18.31 23.14
CA ALA A 97 -8.00 -19.68 23.00
C ALA A 97 -7.17 -20.48 21.97
N PRO A 98 -7.08 -21.81 22.13
CA PRO A 98 -6.36 -22.64 21.14
C PRO A 98 -7.08 -22.73 19.81
N LEU A 99 -6.32 -23.11 18.78
CA LEU A 99 -6.94 -23.40 17.46
C LEU A 99 -8.03 -24.48 17.55
N SER A 100 -8.99 -24.39 16.65
CA SER A 100 -10.07 -25.37 16.73
C SER A 100 -9.61 -26.74 16.20
N ARG A 101 -10.35 -27.78 16.60
CA ARG A 101 -10.21 -29.10 16.01
C ARG A 101 -10.23 -29.07 14.47
N THR A 102 -11.21 -28.39 13.87
CA THR A 102 -11.26 -28.44 12.42
C THR A 102 -10.14 -27.60 11.75
N THR A 103 -9.54 -26.62 12.46
CA THR A 103 -8.36 -25.94 11.92
C THR A 103 -7.19 -26.92 11.84
N LEU A 104 -6.98 -27.66 12.92
CA LEU A 104 -5.86 -28.61 13.03
C LEU A 104 -6.02 -29.78 12.08
N ALA A 105 -7.26 -30.21 11.80
CA ALA A 105 -7.50 -31.33 10.90
C ALA A 105 -7.27 -30.95 9.43
N ASN A 106 -7.25 -29.66 9.10
CA ASN A 106 -7.21 -29.24 7.71
C ASN A 106 -5.78 -29.40 7.19
N PRO A 107 -5.52 -30.24 6.18
CA PRO A 107 -4.14 -30.41 5.72
C PRO A 107 -3.49 -29.11 5.26
N LEU A 108 -4.28 -28.12 4.84
CA LEU A 108 -3.70 -26.86 4.36
C LEU A 108 -2.87 -26.15 5.45
N LEU A 109 -3.22 -26.32 6.73
CA LEU A 109 -2.46 -25.65 7.79
C LEU A 109 -1.03 -26.18 7.82
N THR A 110 -0.88 -27.51 7.79
CA THR A 110 0.45 -28.12 7.79
C THR A 110 1.19 -27.77 6.49
N ARG A 111 0.46 -27.77 5.38
CA ARG A 111 1.05 -27.42 4.09
C ARG A 111 1.58 -25.99 4.09
N LEU A 112 0.80 -25.03 4.58
CA LEU A 112 1.29 -23.66 4.66
C LEU A 112 2.50 -23.55 5.61
N LEU A 113 2.46 -24.25 6.73
CA LEU A 113 3.54 -24.11 7.70
C LEU A 113 4.86 -24.55 7.07
N ARG A 114 4.84 -25.65 6.33
CA ARG A 114 6.09 -26.16 5.77
C ARG A 114 6.48 -25.40 4.53
N ALA A 115 5.50 -25.10 3.66
CA ALA A 115 5.80 -24.41 2.42
C ALA A 115 6.26 -22.99 2.65
N ASP A 116 5.67 -22.26 3.62
CA ASP A 116 6.11 -20.87 3.82
C ASP A 116 7.58 -20.83 4.19
N PHE A 117 8.03 -21.81 4.98
CA PHE A 117 9.39 -21.80 5.51
C PHE A 117 10.45 -21.78 4.39
N GLU A 118 10.13 -22.37 3.25
N GLU A 118 10.13 -22.39 3.25
CA GLU A 118 11.09 -22.44 2.16
CA GLU A 118 11.04 -22.44 2.13
C GLU A 118 11.36 -21.08 1.53
C GLU A 118 11.45 -21.06 1.66
N ASN A 119 10.64 -20.04 1.94
CA ASN A 119 10.90 -18.69 1.43
C ASN A 119 11.83 -17.89 2.31
N PHE A 120 12.33 -18.47 3.38
CA PHE A 120 13.13 -17.70 4.34
C PHE A 120 14.62 -17.94 4.06
N PRO A 121 15.47 -16.90 4.10
CA PRO A 121 16.95 -17.12 3.91
C PRO A 121 17.58 -17.65 5.20
N VAL A 122 17.44 -18.94 5.45
CA VAL A 122 18.00 -19.49 6.69
C VAL A 122 19.53 -19.30 6.67
N PRO A 123 20.16 -18.76 7.72
CA PRO A 123 21.58 -18.38 7.59
C PRO A 123 22.56 -19.56 7.59
N GLU A 124 22.23 -20.68 8.22
CA GLU A 124 23.13 -21.82 8.35
C GLU A 124 22.36 -23.08 7.95
N GLU A 125 22.98 -23.91 7.10
CA GLU A 125 22.29 -25.09 6.61
C GLU A 125 22.05 -26.10 7.73
N SER A 126 22.89 -26.11 8.75
CA SER A 126 22.67 -27.01 9.87
C SER A 126 21.38 -26.70 10.64
N TRP A 127 20.85 -25.47 10.54
CA TRP A 127 19.63 -25.12 11.27
C TRP A 127 18.42 -25.90 10.76
N LEU A 128 18.50 -26.44 9.56
CA LEU A 128 17.40 -27.22 9.04
C LEU A 128 17.17 -28.49 9.83
N ASP A 129 18.16 -28.92 10.65
CA ASP A 129 18.05 -30.14 11.46
C ASP A 129 17.67 -29.85 12.89
N ASP A 130 17.57 -28.56 13.26
CA ASP A 130 17.22 -28.17 14.60
C ASP A 130 15.72 -27.97 14.65
N PRO A 131 15.12 -28.08 15.82
CA PRO A 131 13.73 -27.68 15.97
C PRO A 131 13.59 -26.18 15.81
N TRP A 132 12.44 -25.80 15.26
CA TRP A 132 11.95 -24.43 15.25
C TRP A 132 10.61 -24.39 15.99
N ASP A 133 10.40 -23.33 16.74
CA ASP A 133 9.10 -23.06 17.32
C ASP A 133 8.32 -22.23 16.31
N VAL A 134 7.09 -22.64 15.99
CA VAL A 134 6.25 -21.91 15.02
C VAL A 134 4.99 -21.47 15.77
N GLN A 135 4.84 -20.18 15.98
CA GLN A 135 3.62 -19.66 16.62
C GLN A 135 2.62 -19.36 15.53
N CYS A 136 1.39 -19.81 15.72
CA CYS A 136 0.37 -19.77 14.69
C CYS A 136 -0.82 -18.95 15.21
N HIS A 137 -1.12 -17.83 14.56
CA HIS A 137 -2.17 -16.89 15.00
C HIS A 137 -3.31 -16.83 13.98
N GLN A 138 -4.55 -16.98 14.44
CA GLN A 138 -5.71 -16.61 13.63
C GLN A 138 -6.22 -15.31 14.22
N PHE A 139 -6.20 -14.22 13.43
CA PHE A 139 -6.65 -12.91 13.88
C PHE A 139 -7.86 -12.52 13.05
N ARG A 140 -8.94 -12.06 13.73
CA ARG A 140 -10.03 -11.36 13.06
C ARG A 140 -10.07 -9.96 13.65
N ILE A 141 -9.97 -8.94 12.81
CA ILE A 141 -10.08 -7.54 13.21
C ILE A 141 -11.44 -7.02 12.77
N ILE A 142 -12.15 -6.38 13.68
CA ILE A 142 -13.50 -5.86 13.39
C ILE A 142 -13.49 -4.38 13.70
N SER A 143 -13.97 -3.57 12.76
CA SER A 143 -14.26 -2.17 12.99
C SER A 143 -15.77 -2.01 12.79
N THR A 144 -16.52 -1.75 13.89
CA THR A 144 -17.97 -1.70 13.96
C THR A 144 -18.44 -0.27 13.68
N PRO A 145 -19.68 -0.08 13.18
CA PRO A 145 -20.16 1.29 12.97
C PRO A 145 -20.22 2.06 14.28
N ASP A 146 -19.25 2.94 14.49
CA ASP A 146 -18.99 3.49 15.82
C ASP A 146 -18.34 4.86 15.75
N PRO A 153 -4.24 2.04 16.39
CA PRO A 153 -3.27 1.19 15.69
C PRO A 153 -2.10 0.80 16.60
N GLU A 154 -1.39 -0.28 16.30
CA GLU A 154 -0.14 -0.56 16.99
C GLU A 154 1.01 0.09 16.21
N GLY A 155 2.00 0.63 16.93
CA GLY A 155 3.10 1.28 16.28
C GLY A 155 4.01 0.29 15.60
N PRO A 156 5.04 0.80 14.92
CA PRO A 156 6.05 -0.08 14.32
C PRO A 156 6.64 -0.99 15.38
N HIS A 157 6.70 -2.29 15.08
CA HIS A 157 7.22 -3.24 16.06
C HIS A 157 7.78 -4.44 15.32
N ARG A 158 8.32 -5.38 16.08
CA ARG A 158 8.72 -6.68 15.54
C ARG A 158 7.97 -7.71 16.37
N ASP A 159 7.83 -8.92 15.84
CA ASP A 159 7.15 -10.02 16.54
C ASP A 159 8.08 -10.81 17.48
N GLU A 160 9.38 -10.48 17.49
CA GLU A 160 10.40 -11.20 18.26
C GLU A 160 10.48 -12.67 17.84
N VAL A 161 10.58 -12.90 16.52
CA VAL A 161 10.84 -14.21 15.94
C VAL A 161 11.97 -14.05 14.95
N ASP A 162 12.38 -15.15 14.29
CA ASP A 162 13.34 -15.01 13.19
C ASP A 162 12.68 -14.62 11.87
N PHE A 163 11.58 -15.30 11.51
CA PHE A 163 10.91 -15.07 10.24
C PHE A 163 9.39 -15.10 10.45
N GLY A 164 8.66 -14.29 9.69
CA GLY A 164 7.21 -14.29 9.78
C GLY A 164 6.57 -14.48 8.40
N VAL A 165 5.30 -14.87 8.44
CA VAL A 165 4.47 -14.90 7.24
C VAL A 165 3.06 -14.49 7.62
N ILE A 166 2.39 -13.78 6.71
CA ILE A 166 1.00 -13.44 6.88
C ILE A 166 0.24 -13.82 5.60
N HIS A 167 -0.91 -14.45 5.76
CA HIS A 167 -1.80 -14.79 4.65
C HIS A 167 -3.16 -14.10 4.90
N LEU A 168 -3.71 -13.43 3.88
CA LEU A 168 -5.04 -12.82 4.06
C LEU A 168 -6.07 -13.94 3.87
N MET A 169 -6.87 -14.22 4.90
CA MET A 169 -7.95 -15.19 4.70
C MET A 169 -9.19 -14.56 4.13
N GLY A 170 -9.40 -13.29 4.44
CA GLY A 170 -10.66 -12.65 4.06
C GLY A 170 -10.72 -11.18 4.43
N ARG A 171 -11.49 -10.42 3.66
CA ARG A 171 -11.66 -8.98 3.84
C ARG A 171 -13.11 -8.67 3.48
N PHE A 172 -13.87 -8.04 4.38
CA PHE A 172 -15.31 -7.84 4.18
C PHE A 172 -15.68 -6.39 4.46
N ASN A 173 -16.24 -5.70 3.45
CA ASN A 173 -16.70 -4.34 3.65
C ASN A 173 -15.59 -3.44 4.21
N ALA A 174 -14.34 -3.67 3.78
CA ALA A 174 -13.20 -3.06 4.46
C ALA A 174 -12.36 -2.23 3.47
N ALA A 175 -12.06 -1.01 3.86
CA ALA A 175 -10.99 -0.19 3.28
C ALA A 175 -9.91 0.02 4.34
N GLY A 176 -8.78 0.63 3.93
CA GLY A 176 -7.66 0.74 4.88
C GLY A 176 -6.97 -0.62 5.03
N GLY A 177 -6.37 -0.82 6.20
CA GLY A 177 -5.65 -2.05 6.44
C GLY A 177 -4.40 -2.22 5.61
N GLU A 178 -3.82 -1.13 5.12
CA GLU A 178 -2.52 -1.24 4.45
C GLU A 178 -1.40 -1.68 5.41
N SER A 179 -0.57 -2.60 4.94
CA SER A 179 0.61 -3.04 5.69
C SER A 179 1.77 -2.09 5.47
N GLN A 180 2.54 -1.84 6.52
CA GLN A 180 3.68 -0.94 6.43
C GLN A 180 4.95 -1.61 6.90
N VAL A 181 6.05 -1.34 6.18
CA VAL A 181 7.37 -1.86 6.50
C VAL A 181 8.24 -0.68 6.88
N TYR A 182 8.91 -0.77 8.02
CA TYR A 182 9.78 0.29 8.53
C TYR A 182 11.21 -0.20 8.61
N SER A 183 12.16 0.71 8.39
CA SER A 183 13.53 0.40 8.74
C SER A 183 13.64 0.27 10.25
N LEU A 184 14.78 -0.27 10.69
CA LEU A 184 15.06 -0.33 12.12
C LEU A 184 15.22 1.06 12.72
N GLU A 185 15.51 2.09 11.90
CA GLU A 185 15.46 3.45 12.39
C GLU A 185 14.06 4.05 12.34
N ARG A 186 13.03 3.22 12.13
CA ARG A 186 11.62 3.64 12.18
C ARG A 186 11.22 4.59 11.07
N GLU A 187 11.88 4.52 9.92
CA GLU A 187 11.43 5.25 8.74
C GLU A 187 10.61 4.30 7.86
N LEU A 188 9.48 4.80 7.38
CA LEU A 188 8.62 4.04 6.48
C LEU A 188 9.33 3.80 5.16
N VAL A 189 9.55 2.54 4.80
CA VAL A 189 10.22 2.25 3.55
C VAL A 189 9.28 1.67 2.51
N ALA A 190 8.24 0.95 2.92
CA ALA A 190 7.32 0.36 1.94
C ALA A 190 5.93 0.26 2.56
N GLU A 191 4.89 0.28 1.72
CA GLU A 191 3.52 0.02 2.14
C GLU A 191 2.83 -0.81 1.07
N PHE A 192 2.04 -1.82 1.46
CA PHE A 192 1.37 -2.62 0.45
C PHE A 192 0.00 -2.96 1.01
N CYS A 193 -0.86 -3.64 0.24
N CYS A 193 -0.78 -3.72 0.22
CA CYS A 193 -2.18 -3.96 0.77
CA CYS A 193 -2.18 -4.00 0.49
C CYS A 193 -2.56 -5.36 0.31
C CYS A 193 -2.44 -5.48 0.23
N LEU A 194 -2.71 -6.24 1.28
CA LEU A 194 -3.26 -7.57 1.05
C LEU A 194 -4.75 -7.39 0.72
N THR A 195 -5.16 -7.83 -0.46
CA THR A 195 -6.56 -7.59 -0.78
C THR A 195 -7.30 -8.84 -1.22
N GLU A 196 -6.60 -9.80 -1.80
CA GLU A 196 -7.30 -11.00 -2.26
C GLU A 196 -7.01 -12.16 -1.33
N GLN A 197 -7.96 -13.06 -1.20
CA GLN A 197 -7.75 -14.22 -0.36
C GLN A 197 -6.49 -14.97 -0.78
N MET A 198 -5.64 -15.26 0.20
CA MET A 198 -4.33 -15.91 0.09
C MET A 198 -3.24 -14.98 -0.43
N ASP A 199 -3.48 -13.68 -0.62
CA ASP A 199 -2.34 -12.77 -0.74
C ASP A 199 -1.45 -12.90 0.50
N THR A 200 -0.13 -12.86 0.28
CA THR A 200 0.85 -13.31 1.28
C THR A 200 2.00 -12.32 1.35
N MET A 201 2.61 -12.22 2.53
CA MET A 201 3.85 -11.48 2.73
C MET A 201 4.74 -12.30 3.67
N PHE A 202 6.01 -12.39 3.34
CA PHE A 202 7.03 -13.01 4.19
C PHE A 202 7.97 -11.93 4.67
N TRP A 203 8.56 -12.08 5.87
CA TRP A 203 9.52 -11.06 6.28
C TRP A 203 10.57 -11.63 7.22
N SER A 204 11.69 -10.90 7.29
CA SER A 204 12.77 -11.14 8.27
C SER A 204 12.58 -10.22 9.46
N ASP A 205 12.19 -10.83 10.59
CA ASP A 205 11.68 -10.05 11.71
C ASP A 205 12.80 -9.31 12.46
N GLY A 206 14.05 -9.68 12.23
CA GLY A 206 15.20 -8.96 12.79
C GLY A 206 15.69 -7.84 11.90
N GLN A 207 15.19 -7.77 10.67
CA GLN A 207 15.68 -6.82 9.68
C GLN A 207 14.76 -5.60 9.50
N ILE A 208 13.47 -5.71 9.82
CA ILE A 208 12.53 -4.60 9.65
C ILE A 208 11.68 -4.48 10.89
N LEU A 209 10.91 -3.41 10.95
CA LEU A 209 9.76 -3.30 11.82
C LEU A 209 8.52 -3.28 10.92
N HIS A 210 7.37 -3.55 11.49
CA HIS A 210 6.16 -3.53 10.68
C HIS A 210 4.99 -3.00 11.49
N ALA A 211 3.93 -2.65 10.77
CA ALA A 211 2.68 -2.21 11.36
C ALA A 211 1.58 -2.35 10.32
N VAL A 212 0.34 -2.21 10.74
CA VAL A 212 -0.78 -2.20 9.80
C VAL A 212 -1.69 -1.02 10.13
N ARG A 213 -2.23 -0.38 9.09
CA ARG A 213 -3.17 0.71 9.31
C ARG A 213 -4.53 0.15 9.73
N PRO A 214 -5.31 0.94 10.49
CA PRO A 214 -6.67 0.50 10.86
C PRO A 214 -7.51 0.25 9.62
N ILE A 215 -8.49 -0.67 9.72
CA ILE A 215 -9.46 -0.82 8.62
C ILE A 215 -10.65 0.10 8.89
N HIS A 216 -11.41 0.44 7.84
CA HIS A 216 -12.64 1.15 8.09
C HIS A 216 -13.72 0.65 7.14
N PRO A 217 -14.98 0.81 7.51
CA PRO A 217 -16.07 0.27 6.66
C PRO A 217 -16.24 1.06 5.37
N VAL A 218 -16.51 0.34 4.29
CA VAL A 218 -16.85 0.99 3.04
C VAL A 218 -18.30 1.48 3.07
N ASP A 219 -19.21 0.58 3.35
CA ASP A 219 -20.57 0.95 3.71
C ASP A 219 -20.50 1.25 5.20
N PRO A 220 -20.67 2.51 5.61
CA PRO A 220 -20.39 2.86 7.01
C PRO A 220 -21.45 2.40 7.98
N THR A 221 -22.52 1.79 7.51
CA THR A 221 -23.56 1.28 8.40
C THR A 221 -23.35 -0.19 8.78
N LYS A 222 -22.32 -0.85 8.23
CA LYS A 222 -22.00 -2.25 8.53
C LYS A 222 -20.52 -2.33 8.97
N ALA A 223 -20.19 -3.43 9.64
CA ALA A 223 -18.83 -3.60 10.13
C ALA A 223 -17.88 -3.88 8.98
N ALA A 224 -16.64 -3.47 9.16
CA ALA A 224 -15.54 -3.93 8.31
C ALA A 224 -14.84 -5.08 9.04
N VAL A 225 -14.44 -6.12 8.31
CA VAL A 225 -13.78 -7.31 8.89
C VAL A 225 -12.56 -7.66 8.07
N ARG A 226 -11.41 -7.94 8.74
CA ARG A 226 -10.20 -8.43 8.07
C ARG A 226 -9.65 -9.66 8.81
N ASP A 227 -9.53 -10.78 8.12
CA ASP A 227 -9.11 -12.06 8.70
C ASP A 227 -7.72 -12.40 8.17
N VAL A 228 -6.74 -12.58 9.08
CA VAL A 228 -5.39 -12.96 8.63
C VAL A 228 -4.92 -14.16 9.42
N LEU A 229 -4.05 -14.96 8.79
CA LEU A 229 -3.33 -16.05 9.43
C LEU A 229 -1.87 -15.60 9.50
N ILE A 230 -1.28 -15.59 10.69
CA ILE A 230 0.12 -15.16 10.83
C ILE A 230 0.91 -16.30 11.46
N MET A 231 2.11 -16.58 10.93
CA MET A 231 2.98 -17.53 11.61
C MET A 231 4.34 -16.91 11.86
N GLY A 232 4.93 -17.22 13.00
CA GLY A 232 6.23 -16.69 13.34
C GLY A 232 7.17 -17.85 13.70
N TYR A 233 8.33 -17.89 13.09
CA TYR A 233 9.20 -19.05 13.17
C TYR A 233 10.43 -18.61 13.94
N LYS A 234 10.78 -19.38 14.98
CA LYS A 234 11.98 -19.11 15.74
C LYS A 234 12.87 -20.36 15.79
N HIS A 235 14.13 -20.21 15.44
CA HIS A 235 15.10 -21.29 15.55
C HIS A 235 15.34 -21.61 17.03
N GLU A 236 15.16 -22.87 17.46
CA GLU A 236 15.18 -23.24 18.88
C GLU A 236 15.92 -24.56 19.04
N PRO A 237 17.25 -24.53 18.91
CA PRO A 237 18.01 -25.78 18.88
C PRO A 237 17.92 -26.60 20.17
N GLU A 238 17.56 -26.00 21.30
CA GLU A 238 17.37 -26.71 22.56
C GLU A 238 15.94 -27.16 22.79
N LEU A 239 15.03 -26.94 21.85
CA LEU A 239 13.66 -27.36 22.08
C LEU A 239 13.53 -28.89 21.99
N ARG A 240 12.95 -29.52 23.01
CA ARG A 240 12.78 -30.95 22.91
C ARG A 240 11.33 -31.29 22.62
N ARG A 241 11.14 -32.49 22.09
CA ARG A 241 9.80 -32.99 21.83
C ARG A 241 8.99 -32.97 23.12
N GLU A 242 7.70 -32.74 22.98
CA GLU A 242 6.76 -32.77 24.09
C GLU A 242 5.62 -33.71 23.74
N GLU A 243 4.85 -34.07 24.77
CA GLU A 243 3.70 -34.94 24.57
C GLU A 243 2.70 -34.31 23.59
N GLN A 244 2.04 -35.14 22.82
CA GLN A 244 0.99 -34.70 21.89
C GLN A 244 -0.24 -35.56 22.22
N THR B 3 -16.23 -0.02 -16.77
CA THR B 3 -16.67 1.12 -15.96
C THR B 3 -16.12 2.44 -16.55
N GLU B 4 -16.59 3.58 -16.04
CA GLU B 4 -16.65 4.79 -16.87
C GLU B 4 -15.26 5.30 -17.25
N ALA B 5 -14.41 5.61 -16.28
CA ALA B 5 -13.21 6.40 -16.56
C ALA B 5 -12.32 5.72 -17.61
N ARG B 6 -12.07 4.43 -17.45
CA ARG B 6 -11.08 3.77 -18.29
C ARG B 6 -11.58 3.59 -19.71
N GLU B 7 -12.89 3.45 -19.92
CA GLU B 7 -13.37 3.42 -21.30
C GLU B 7 -13.30 4.81 -21.93
N GLU B 8 -13.51 5.86 -21.13
CA GLU B 8 -13.33 7.21 -21.65
C GLU B 8 -11.87 7.49 -21.98
N LEU B 9 -10.94 6.97 -21.18
CA LEU B 9 -9.54 7.11 -21.58
C LEU B 9 -9.31 6.37 -22.88
N ARG B 10 -9.90 5.18 -23.00
CA ARG B 10 -9.76 4.40 -24.23
C ARG B 10 -10.29 5.17 -25.43
N ALA B 11 -11.50 5.70 -25.32
CA ALA B 11 -12.11 6.42 -26.44
C ALA B 11 -11.45 7.79 -26.67
N ASN B 12 -11.38 8.63 -25.63
CA ASN B 12 -11.03 10.05 -25.78
C ASN B 12 -9.69 10.46 -25.18
N GLY B 13 -8.97 9.58 -24.48
CA GLY B 13 -7.67 9.95 -23.99
C GLY B 13 -7.66 10.77 -22.70
N TYR B 14 -8.83 11.07 -22.14
CA TYR B 14 -8.95 11.81 -20.89
C TYR B 14 -10.28 11.46 -20.29
N SER B 15 -10.44 11.76 -19.00
CA SER B 15 -11.72 11.61 -18.34
C SER B 15 -11.77 12.54 -17.13
N LEU B 16 -12.95 13.09 -16.88
CA LEU B 16 -13.17 14.12 -15.87
C LEU B 16 -13.87 13.49 -14.69
N LEU B 17 -13.46 13.86 -13.47
CA LEU B 17 -14.14 13.39 -12.26
C LEU B 17 -14.29 14.58 -11.34
N PRO B 18 -15.45 15.23 -11.31
CA PRO B 18 -15.62 16.37 -10.42
C PRO B 18 -15.75 15.92 -8.97
N ALA B 19 -15.35 16.81 -8.06
CA ALA B 19 -15.40 16.48 -6.63
C ALA B 19 -16.82 16.15 -6.17
N ASP B 20 -17.83 16.74 -6.80
CA ASP B 20 -19.20 16.50 -6.35
C ASP B 20 -19.66 15.09 -6.66
N ARG B 21 -19.02 14.43 -7.64
CA ARG B 21 -19.27 13.02 -7.91
C ARG B 21 -18.62 12.09 -6.90
N LEU B 22 -17.83 12.61 -5.96
CA LEU B 22 -17.09 11.78 -5.01
C LEU B 22 -17.74 11.84 -3.63
N VAL B 23 -17.77 10.70 -2.94
CA VAL B 23 -18.34 10.59 -1.61
C VAL B 23 -17.26 10.89 -0.58
N ILE B 24 -17.45 11.96 0.18
CA ILE B 24 -16.44 12.42 1.12
C ILE B 24 -17.01 12.44 2.53
N ASP B 25 -16.39 11.67 3.44
CA ASP B 25 -16.77 11.56 4.84
C ASP B 25 -15.90 12.51 5.68
N ALA B 26 -16.11 12.48 7.01
CA ALA B 26 -15.40 13.42 7.88
C ALA B 26 -13.90 13.12 7.97
N GLU B 27 -13.53 11.83 8.08
CA GLU B 27 -12.12 11.45 8.10
C GLU B 27 -11.40 11.90 6.83
N LEU B 28 -12.00 11.61 5.68
CA LEU B 28 -11.39 11.97 4.41
C LEU B 28 -11.26 13.47 4.26
N ARG B 29 -12.33 14.20 4.62
CA ARG B 29 -12.33 15.66 4.57
C ARG B 29 -11.14 16.20 5.33
N GLN B 30 -10.90 15.64 6.53
CA GLN B 30 -9.78 16.10 7.32
C GLN B 30 -8.45 15.79 6.62
N HIS B 31 -8.34 14.61 5.98
CA HIS B 31 -7.08 14.26 5.30
C HIS B 31 -6.83 15.17 4.10
N VAL B 32 -7.88 15.46 3.32
CA VAL B 32 -7.73 16.37 2.18
C VAL B 32 -7.24 17.75 2.65
N LYS B 33 -7.87 18.27 3.71
CA LYS B 33 -7.46 19.58 4.19
C LYS B 33 -6.00 19.59 4.61
N GLU B 34 -5.58 18.57 5.35
CA GLU B 34 -4.19 18.52 5.79
C GLU B 34 -3.24 18.32 4.60
N LEU B 35 -3.64 17.52 3.60
CA LEU B 35 -2.83 17.41 2.39
C LEU B 35 -2.74 18.76 1.68
N ALA B 36 -3.89 19.38 1.45
CA ALA B 36 -3.90 20.64 0.70
C ALA B 36 -3.13 21.75 1.42
N ALA B 37 -3.09 21.71 2.77
CA ALA B 37 -2.35 22.70 3.55
C ALA B 37 -0.85 22.68 3.23
N GLU B 38 -0.32 21.52 2.79
CA GLU B 38 1.08 21.45 2.41
C GLU B 38 1.46 22.40 1.29
N TRP B 39 0.51 22.84 0.45
CA TRP B 39 0.91 23.75 -0.61
C TRP B 39 1.33 25.13 -0.08
N GLU B 40 1.16 25.40 1.22
CA GLU B 40 1.64 26.66 1.78
C GLU B 40 3.13 26.63 2.11
N ASN B 41 3.74 25.44 2.14
CA ASN B 41 5.13 25.32 2.56
C ASN B 41 6.01 24.72 1.47
N LEU B 42 5.89 25.20 0.24
CA LEU B 42 6.70 24.67 -0.85
C LEU B 42 7.86 25.63 -1.14
N GLU B 43 8.93 25.09 -1.75
CA GLU B 43 10.05 25.93 -2.14
C GLU B 43 9.87 26.48 -3.55
N THR B 44 10.51 27.63 -3.83
CA THR B 44 10.36 28.34 -5.10
C THR B 44 11.33 27.84 -6.17
N ASP B 45 10.81 27.76 -7.41
CA ASP B 45 11.51 27.82 -8.72
C ASP B 45 11.38 26.53 -9.54
N ARG B 46 12.42 26.21 -10.30
CA ARG B 46 12.44 25.02 -11.17
C ARG B 46 12.23 23.72 -10.39
N GLY B 51 8.89 38.24 -11.69
CA GLY B 51 8.67 38.61 -13.09
C GLY B 51 7.26 38.30 -13.51
N SER B 52 6.32 38.50 -12.58
CA SER B 52 4.87 38.33 -12.72
C SER B 52 4.40 36.94 -12.32
N ARG B 53 5.11 35.89 -12.74
CA ARG B 53 4.70 34.52 -12.51
C ARG B 53 5.72 33.80 -11.65
N PHE B 54 5.25 33.00 -10.71
CA PHE B 54 6.12 32.22 -9.84
C PHE B 54 5.63 30.78 -9.79
N ARG B 55 6.53 29.89 -9.42
CA ARG B 55 6.19 28.48 -9.24
C ARG B 55 6.80 28.00 -7.93
N GLU B 56 5.98 27.40 -7.08
CA GLU B 56 6.51 26.72 -5.91
C GLU B 56 6.22 25.22 -6.08
N ARG B 57 7.13 24.38 -5.57
CA ARG B 57 7.00 22.98 -5.94
C ARG B 57 7.72 22.06 -4.96
N ALA B 58 7.28 20.80 -4.97
CA ALA B 58 7.95 19.68 -4.31
C ALA B 58 7.71 18.43 -5.16
N TYR B 59 8.61 17.45 -5.06
CA TYR B 59 8.47 16.31 -5.94
C TYR B 59 9.17 15.08 -5.34
N ASP B 60 8.67 13.89 -5.70
CA ASP B 60 9.34 12.62 -5.41
C ASP B 60 8.83 11.57 -6.39
N ARG B 61 9.53 10.44 -6.42
CA ARG B 61 9.17 9.28 -7.24
C ARG B 61 8.88 8.10 -6.32
N PHE B 62 7.97 7.23 -6.78
CA PHE B 62 7.68 5.99 -6.06
C PHE B 62 7.84 4.80 -6.97
N PHE B 63 8.35 3.72 -6.40
CA PHE B 63 8.24 2.38 -6.95
C PHE B 63 6.85 1.83 -6.63
N PHE B 64 6.13 1.35 -7.64
CA PHE B 64 4.73 0.93 -7.47
C PHE B 64 4.43 -0.35 -8.23
N VAL B 65 3.90 -1.36 -7.53
CA VAL B 65 3.44 -2.59 -8.17
C VAL B 65 1.92 -2.69 -7.98
N PRO B 66 1.12 -2.57 -9.03
CA PRO B 66 -0.34 -2.48 -8.83
C PRO B 66 -0.97 -3.70 -8.17
N ARG B 67 -0.52 -4.91 -8.54
N ARG B 67 -0.55 -4.91 -8.53
CA ARG B 67 -1.17 -6.12 -8.06
CA ARG B 67 -1.26 -6.08 -8.02
C ARG B 67 -1.16 -6.18 -6.53
C ARG B 67 -1.17 -6.16 -6.50
N THR B 68 0.01 -5.89 -5.93
CA THR B 68 0.18 -5.98 -4.48
C THR B 68 -0.05 -4.67 -3.76
N GLY B 69 -0.20 -3.57 -4.51
CA GLY B 69 -0.28 -2.27 -3.89
C GLY B 69 1.04 -1.75 -3.33
N GLU B 70 2.15 -2.42 -3.61
CA GLU B 70 3.43 -2.06 -3.02
C GLU B 70 3.83 -0.67 -3.50
N VAL B 71 4.13 0.23 -2.55
CA VAL B 71 4.61 1.59 -2.84
C VAL B 71 5.87 1.82 -2.03
N ARG B 72 6.97 2.17 -2.70
CA ARG B 72 8.20 2.54 -1.98
C ARG B 72 8.68 3.90 -2.43
N LEU B 73 9.02 4.77 -1.50
CA LEU B 73 9.64 6.05 -1.88
C LEU B 73 11.03 5.81 -2.45
N ARG B 74 11.34 6.43 -3.58
CA ARG B 74 12.64 6.24 -4.20
C ARG B 74 13.60 7.36 -3.78
N PRO B 75 14.92 7.18 -3.99
CA PRO B 75 15.86 8.26 -3.67
C PRO B 75 15.50 9.52 -4.45
N HIS B 76 15.68 10.67 -3.82
CA HIS B 76 15.25 11.93 -4.42
C HIS B 76 16.23 12.36 -5.51
N ARG B 77 15.78 12.36 -6.76
CA ARG B 77 16.60 12.63 -7.95
C ARG B 77 15.96 13.67 -8.88
N PRO B 78 16.20 14.97 -8.65
CA PRO B 78 15.54 16.01 -9.48
C PRO B 78 15.63 15.81 -10.99
N TYR B 79 16.72 15.23 -11.51
CA TYR B 79 16.81 15.13 -12.96
C TYR B 79 15.94 14.02 -13.53
N PHE B 80 15.45 13.11 -12.69
CA PHE B 80 14.54 12.07 -13.16
C PHE B 80 13.08 12.50 -13.11
N GLN B 81 12.80 13.75 -12.83
CA GLN B 81 11.46 14.29 -13.02
C GLN B 81 11.24 14.64 -14.49
N SER B 82 9.98 14.54 -14.92
CA SER B 82 9.59 14.90 -16.28
C SER B 82 8.24 15.64 -16.31
N MET B 83 7.59 15.78 -15.16
CA MET B 83 6.30 16.44 -15.04
C MET B 83 6.52 17.92 -14.83
N ASN B 84 5.70 18.74 -15.48
CA ASN B 84 5.87 20.18 -15.37
C ASN B 84 4.55 20.77 -14.89
N ALA B 85 4.59 22.03 -14.46
CA ALA B 85 3.41 22.70 -13.92
C ALA B 85 2.50 23.25 -15.01
N ASN B 86 2.89 23.15 -16.29
CA ASN B 86 2.09 23.66 -17.41
C ASN B 86 1.89 25.18 -17.31
N ASP B 87 2.83 25.90 -16.69
CA ASP B 87 2.67 27.34 -16.46
C ASP B 87 3.57 28.17 -17.38
N ASP B 93 14.51 17.86 -13.68
CA ASP B 93 15.68 18.59 -14.21
C ASP B 93 16.01 19.87 -13.43
N ARG B 94 16.16 19.82 -12.10
CA ARG B 94 16.34 21.03 -11.29
C ARG B 94 16.96 20.78 -9.91
N ASP B 95 16.42 21.43 -8.86
CA ASP B 95 17.01 21.45 -7.53
C ASP B 95 16.30 20.50 -6.56
N VAL B 96 16.93 20.28 -5.40
CA VAL B 96 16.38 19.37 -4.39
C VAL B 96 15.14 19.98 -3.76
N ALA B 97 14.00 19.28 -3.84
CA ALA B 97 12.73 19.78 -3.29
C ALA B 97 11.80 18.61 -2.96
N PRO B 98 12.18 17.74 -2.03
CA PRO B 98 11.37 16.56 -1.73
C PRO B 98 10.04 16.91 -1.09
N LEU B 99 9.07 16.00 -1.25
CA LEU B 99 7.82 16.11 -0.52
C LEU B 99 8.12 16.20 0.97
N SER B 100 7.31 16.98 1.67
CA SER B 100 7.52 17.19 3.10
C SER B 100 7.19 15.94 3.92
N ARG B 101 7.73 15.90 5.14
N ARG B 101 7.72 15.90 5.14
CA ARG B 101 7.45 14.80 6.06
CA ARG B 101 7.44 14.77 6.03
C ARG B 101 5.96 14.62 6.26
C ARG B 101 5.94 14.62 6.27
N THR B 102 5.23 15.73 6.48
CA THR B 102 3.80 15.63 6.74
C THR B 102 2.99 15.32 5.48
N THR B 103 3.47 15.69 4.29
CA THR B 103 2.83 15.14 3.09
C THR B 103 2.99 13.63 3.07
N LEU B 104 4.22 13.14 3.28
CA LEU B 104 4.44 11.71 3.18
C LEU B 104 3.72 10.93 4.28
N ALA B 105 3.48 11.55 5.43
CA ALA B 105 2.81 10.83 6.52
C ALA B 105 1.29 10.84 6.40
N ASN B 106 0.71 11.57 5.46
CA ASN B 106 -0.75 11.61 5.27
C ASN B 106 -1.19 10.36 4.50
N PRO B 107 -2.05 9.50 5.06
CA PRO B 107 -2.40 8.28 4.32
C PRO B 107 -3.11 8.56 3.02
N LEU B 108 -3.65 9.78 2.84
CA LEU B 108 -4.37 10.05 1.63
C LEU B 108 -3.46 9.95 0.40
N LEU B 109 -2.18 10.24 0.56
CA LEU B 109 -1.30 10.34 -0.61
C LEU B 109 -1.20 9.03 -1.36
N THR B 110 -0.75 7.97 -0.67
CA THR B 110 -0.66 6.69 -1.36
C THR B 110 -2.02 6.12 -1.68
N ARG B 111 -3.06 6.42 -0.90
CA ARG B 111 -4.40 5.96 -1.25
C ARG B 111 -4.84 6.54 -2.60
N LEU B 112 -4.62 7.84 -2.81
CA LEU B 112 -4.84 8.45 -4.12
C LEU B 112 -3.99 7.77 -5.18
N LEU B 113 -2.70 7.57 -4.89
CA LEU B 113 -1.83 6.92 -5.86
C LEU B 113 -2.42 5.60 -6.32
N ARG B 114 -2.91 4.78 -5.37
CA ARG B 114 -3.42 3.47 -5.79
C ARG B 114 -4.79 3.58 -6.44
N ALA B 115 -5.68 4.41 -5.85
CA ALA B 115 -7.03 4.54 -6.40
C ALA B 115 -6.99 5.15 -7.80
N ASP B 116 -6.19 6.21 -8.00
CA ASP B 116 -6.13 6.80 -9.33
C ASP B 116 -5.76 5.78 -10.40
N PHE B 117 -4.81 4.88 -10.09
CA PHE B 117 -4.39 3.91 -11.07
C PHE B 117 -5.54 3.01 -11.56
N GLU B 118 -6.57 2.78 -10.74
CA GLU B 118 -7.62 1.87 -11.21
C GLU B 118 -8.43 2.48 -12.35
N ASN B 119 -8.25 3.76 -12.65
CA ASN B 119 -8.96 4.43 -13.72
C ASN B 119 -8.23 4.34 -15.05
N PHE B 120 -7.05 3.75 -15.08
CA PHE B 120 -6.29 3.73 -16.32
C PHE B 120 -6.56 2.46 -17.12
N PRO B 121 -6.70 2.53 -18.45
CA PRO B 121 -6.96 1.32 -19.26
C PRO B 121 -5.64 0.62 -19.57
N VAL B 122 -5.18 -0.21 -18.64
CA VAL B 122 -3.85 -0.81 -18.82
C VAL B 122 -3.92 -1.85 -19.94
N PRO B 123 -3.06 -1.77 -20.97
CA PRO B 123 -3.23 -2.63 -22.15
C PRO B 123 -2.95 -4.11 -21.94
N GLU B 124 -2.12 -4.49 -20.97
CA GLU B 124 -1.77 -5.89 -20.73
C GLU B 124 -1.97 -6.19 -19.25
N GLU B 125 -2.76 -7.21 -18.94
CA GLU B 125 -2.94 -7.58 -17.54
C GLU B 125 -1.63 -7.91 -16.85
N SER B 126 -0.64 -8.42 -17.60
CA SER B 126 0.64 -8.75 -16.99
C SER B 126 1.38 -7.52 -16.46
N TRP B 127 1.11 -6.35 -17.02
CA TRP B 127 1.75 -5.14 -16.51
C TRP B 127 1.40 -4.85 -15.06
N LEU B 128 0.27 -5.38 -14.59
CA LEU B 128 -0.13 -5.15 -13.20
C LEU B 128 0.84 -5.78 -12.19
N ASP B 129 1.63 -6.77 -12.62
CA ASP B 129 2.64 -7.46 -11.84
C ASP B 129 4.02 -6.88 -12.02
N ASP B 130 4.16 -5.90 -12.88
CA ASP B 130 5.47 -5.27 -13.04
C ASP B 130 5.55 -3.99 -12.21
N PRO B 131 6.77 -3.54 -11.93
CA PRO B 131 6.93 -2.22 -11.33
C PRO B 131 6.53 -1.11 -12.30
N TRP B 132 6.10 -0.01 -11.69
CA TRP B 132 5.83 1.25 -12.35
C TRP B 132 6.57 2.33 -11.58
N ASP B 133 7.05 3.33 -12.31
CA ASP B 133 7.63 4.52 -11.70
C ASP B 133 6.50 5.52 -11.63
N VAL B 134 6.26 6.08 -10.44
CA VAL B 134 5.20 7.04 -10.26
C VAL B 134 5.83 8.34 -9.80
N GLN B 135 5.78 9.37 -10.67
CA GLN B 135 6.23 10.70 -10.29
C GLN B 135 5.11 11.41 -9.57
N CYS B 136 5.42 12.11 -8.46
CA CYS B 136 4.40 12.78 -7.67
C CYS B 136 4.82 14.23 -7.48
N HIS B 137 4.03 15.16 -8.03
CA HIS B 137 4.41 16.58 -8.05
C HIS B 137 3.38 17.42 -7.31
N GLN B 138 3.85 18.24 -6.38
CA GLN B 138 3.05 19.30 -5.80
C GLN B 138 3.45 20.60 -6.48
N PHE B 139 2.52 21.27 -7.16
CA PHE B 139 2.78 22.56 -7.78
C PHE B 139 1.86 23.61 -7.19
N ARG B 140 2.43 24.76 -6.82
CA ARG B 140 1.65 25.98 -6.55
C ARG B 140 2.06 27.01 -7.59
N ILE B 141 1.09 27.43 -8.39
CA ILE B 141 1.32 28.35 -9.51
C ILE B 141 0.80 29.70 -9.08
N ILE B 142 1.62 30.74 -9.25
CA ILE B 142 1.29 32.07 -8.73
C ILE B 142 1.37 33.10 -9.86
N SER B 143 0.36 33.96 -9.94
CA SER B 143 0.31 34.99 -10.97
C SER B 143 0.05 36.31 -10.28
N THR B 144 1.04 37.24 -10.31
CA THR B 144 0.85 38.54 -9.63
C THR B 144 0.30 39.57 -10.63
N PRO B 145 -0.33 40.69 -10.14
CA PRO B 145 -0.96 41.68 -11.05
C PRO B 145 -0.20 42.00 -12.34
N ASP B 146 -0.89 41.73 -13.46
CA ASP B 146 -0.24 41.35 -14.71
C ASP B 146 0.42 42.52 -15.41
N GLU B 147 1.75 42.44 -15.58
CA GLU B 147 2.46 43.34 -16.48
C GLU B 147 3.48 42.59 -17.34
N GLU B 154 3.29 26.63 -22.43
CA GLU B 154 1.91 27.11 -22.61
C GLU B 154 1.32 26.43 -23.83
N GLY B 155 2.18 25.87 -24.68
CA GLY B 155 1.76 25.17 -25.87
C GLY B 155 1.56 23.69 -25.59
N PRO B 156 0.79 23.01 -26.43
CA PRO B 156 0.47 21.60 -26.16
C PRO B 156 1.73 20.73 -26.17
N HIS B 157 1.70 19.66 -25.36
CA HIS B 157 2.86 18.79 -25.16
C HIS B 157 2.46 17.56 -24.36
N ARG B 158 3.46 16.69 -24.13
CA ARG B 158 3.38 15.46 -23.34
C ARG B 158 4.19 15.61 -22.06
N ASP B 159 3.84 14.83 -21.02
CA ASP B 159 4.72 14.69 -19.86
C ASP B 159 5.69 13.51 -19.98
N GLU B 160 5.56 12.68 -21.02
CA GLU B 160 6.47 11.55 -21.23
C GLU B 160 6.27 10.43 -20.19
N VAL B 161 5.03 10.12 -19.90
CA VAL B 161 4.67 9.03 -19.03
C VAL B 161 3.60 8.24 -19.74
N ASP B 162 3.12 7.17 -19.13
CA ASP B 162 2.03 6.43 -19.75
C ASP B 162 0.67 7.02 -19.40
N PHE B 163 0.45 7.35 -18.14
CA PHE B 163 -0.83 7.84 -17.68
C PHE B 163 -0.59 8.92 -16.66
N GLY B 164 -1.49 9.91 -16.63
CA GLY B 164 -1.38 11.01 -15.71
C GLY B 164 -2.70 11.20 -14.99
N VAL B 165 -2.60 11.82 -13.82
CA VAL B 165 -3.78 12.29 -13.09
C VAL B 165 -3.43 13.63 -12.50
N ILE B 166 -4.41 14.53 -12.44
CA ILE B 166 -4.26 15.78 -11.73
C ILE B 166 -5.44 15.95 -10.79
N HIS B 167 -5.17 16.40 -9.57
CA HIS B 167 -6.17 16.74 -8.57
C HIS B 167 -6.04 18.21 -8.24
N LEU B 168 -7.15 18.95 -8.28
CA LEU B 168 -7.08 20.35 -7.90
C LEU B 168 -7.13 20.45 -6.37
N MET B 169 -6.08 21.02 -5.77
CA MET B 169 -6.10 21.17 -4.31
C MET B 169 -6.71 22.48 -3.87
N GLY B 170 -6.57 23.53 -4.68
CA GLY B 170 -7.13 24.82 -4.35
C GLY B 170 -6.90 25.83 -5.45
N ARG B 171 -7.77 26.82 -5.55
CA ARG B 171 -7.70 27.90 -6.52
C ARG B 171 -8.09 29.18 -5.77
N PHE B 172 -7.25 30.22 -5.80
CA PHE B 172 -7.47 31.40 -4.97
C PHE B 172 -7.36 32.64 -5.83
N ASN B 173 -8.43 33.46 -5.85
CA ASN B 173 -8.44 34.74 -6.58
C ASN B 173 -8.09 34.54 -8.06
N ALA B 174 -8.47 33.42 -8.67
CA ALA B 174 -7.91 33.02 -9.96
C ALA B 174 -8.95 33.04 -11.09
N ALA B 175 -8.62 33.71 -12.18
CA ALA B 175 -9.37 33.56 -13.42
C ALA B 175 -8.49 32.88 -14.46
N GLY B 176 -9.13 32.25 -15.44
CA GLY B 176 -8.38 31.49 -16.41
C GLY B 176 -7.97 30.14 -15.84
N GLY B 177 -6.86 29.62 -16.36
CA GLY B 177 -6.40 28.32 -15.90
C GLY B 177 -7.18 27.15 -16.44
N GLU B 178 -7.78 27.28 -17.63
CA GLU B 178 -8.46 26.16 -18.24
C GLU B 178 -7.49 25.04 -18.59
N SER B 179 -7.91 23.80 -18.36
CA SER B 179 -7.14 22.67 -18.85
C SER B 179 -7.55 22.38 -20.29
N GLN B 180 -6.56 22.06 -21.12
CA GLN B 180 -6.79 21.91 -22.55
C GLN B 180 -6.31 20.54 -23.03
N VAL B 181 -7.18 19.82 -23.72
CA VAL B 181 -6.83 18.56 -24.36
C VAL B 181 -6.72 18.81 -25.86
N TYR B 182 -5.56 18.46 -26.42
CA TYR B 182 -5.27 18.55 -27.83
C TYR B 182 -5.14 17.17 -28.46
N SER B 183 -5.48 17.11 -29.76
CA SER B 183 -5.10 15.97 -30.58
C SER B 183 -3.60 15.95 -30.80
N LEU B 184 -3.09 14.81 -31.24
CA LEU B 184 -1.66 14.71 -31.52
C LEU B 184 -1.24 15.67 -32.62
N GLU B 185 -2.17 16.01 -33.52
CA GLU B 185 -1.99 16.96 -34.61
C GLU B 185 -2.02 18.38 -34.14
N ARG B 186 -2.07 18.53 -32.81
CA ARG B 186 -1.92 19.82 -32.15
C ARG B 186 -3.16 20.71 -32.32
N GLU B 187 -4.34 20.09 -32.42
CA GLU B 187 -5.60 20.81 -32.53
C GLU B 187 -6.43 20.66 -31.25
N LEU B 188 -7.06 21.74 -30.82
CA LEU B 188 -7.75 21.77 -29.54
C LEU B 188 -9.06 21.00 -29.64
N VAL B 189 -9.22 19.95 -28.83
CA VAL B 189 -10.43 19.14 -28.86
C VAL B 189 -11.33 19.40 -27.66
N ALA B 190 -10.79 19.84 -26.53
CA ALA B 190 -11.67 20.06 -25.39
C ALA B 190 -10.98 21.03 -24.42
N GLU B 191 -11.82 21.68 -23.64
CA GLU B 191 -11.35 22.64 -22.66
C GLU B 191 -12.29 22.54 -21.48
N PHE B 192 -11.74 22.32 -20.30
CA PHE B 192 -12.50 22.30 -19.06
C PHE B 192 -11.73 23.11 -18.05
N CYS B 193 -12.41 23.45 -16.96
CA CYS B 193 -11.85 24.28 -15.90
C CYS B 193 -12.10 23.56 -14.58
N LEU B 194 -11.02 23.10 -13.95
CA LEU B 194 -11.12 22.51 -12.62
C LEU B 194 -11.21 23.65 -11.61
N THR B 195 -12.26 23.67 -10.81
CA THR B 195 -12.46 24.79 -9.91
C THR B 195 -12.69 24.37 -8.47
N GLU B 196 -13.15 23.14 -8.21
CA GLU B 196 -13.42 22.70 -6.85
C GLU B 196 -12.31 21.78 -6.34
N GLN B 197 -12.07 21.84 -5.05
CA GLN B 197 -11.05 21.00 -4.45
C GLN B 197 -11.39 19.53 -4.70
N MET B 198 -10.41 18.78 -5.21
CA MET B 198 -10.48 17.35 -5.58
C MET B 198 -11.20 17.14 -6.92
N ASP B 199 -11.59 18.18 -7.65
CA ASP B 199 -11.84 18.01 -9.08
C ASP B 199 -10.61 17.37 -9.70
N THR B 200 -10.82 16.39 -10.59
CA THR B 200 -9.79 15.45 -11.00
C THR B 200 -9.90 15.24 -12.50
N MET B 201 -8.76 15.12 -13.17
CA MET B 201 -8.73 14.64 -14.55
C MET B 201 -7.68 13.54 -14.71
N PHE B 202 -8.03 12.46 -15.41
CA PHE B 202 -7.10 11.39 -15.76
C PHE B 202 -6.80 11.48 -17.26
N TRP B 203 -5.59 11.09 -17.69
CA TRP B 203 -5.32 11.16 -19.14
C TRP B 203 -4.29 10.12 -19.58
N SER B 204 -4.36 9.76 -20.88
CA SER B 204 -3.43 8.84 -21.52
C SER B 204 -2.36 9.65 -22.24
N ASP B 205 -1.17 9.70 -21.65
CA ASP B 205 -0.19 10.68 -22.05
C ASP B 205 0.37 10.45 -23.43
N GLY B 206 0.18 9.26 -23.99
CA GLY B 206 0.64 9.01 -25.36
C GLY B 206 -0.49 9.15 -26.37
N GLN B 207 -1.71 9.33 -25.87
CA GLN B 207 -2.88 9.47 -26.73
C GLN B 207 -3.17 10.92 -27.08
N ILE B 208 -2.94 11.86 -26.16
CA ILE B 208 -3.28 13.26 -26.39
C ILE B 208 -2.07 14.14 -26.09
N LEU B 209 -2.26 15.42 -26.34
CA LEU B 209 -1.39 16.46 -25.83
C LEU B 209 -2.23 17.34 -24.93
N HIS B 210 -1.56 18.13 -24.11
CA HIS B 210 -2.32 18.91 -23.15
C HIS B 210 -1.56 20.18 -22.85
N ALA B 211 -2.28 21.14 -22.26
CA ALA B 211 -1.74 22.40 -21.77
C ALA B 211 -2.76 22.97 -20.80
N VAL B 212 -2.34 24.03 -20.13
CA VAL B 212 -3.18 24.77 -19.20
C VAL B 212 -2.99 26.24 -19.51
N ARG B 213 -4.07 26.98 -19.48
CA ARG B 213 -3.99 28.40 -19.77
C ARG B 213 -3.44 29.15 -18.56
N PRO B 214 -2.79 30.30 -18.79
CA PRO B 214 -2.34 31.14 -17.66
C PRO B 214 -3.47 31.44 -16.71
N ILE B 215 -3.13 31.59 -15.42
CA ILE B 215 -4.08 32.19 -14.48
C ILE B 215 -3.70 33.67 -14.35
N HIS B 216 -4.66 34.47 -13.93
CA HIS B 216 -4.44 35.88 -13.62
C HIS B 216 -5.44 36.31 -12.55
N PRO B 217 -5.10 37.31 -11.74
CA PRO B 217 -5.95 37.63 -10.59
C PRO B 217 -7.31 38.20 -10.99
N VAL B 218 -8.30 37.89 -10.17
CA VAL B 218 -9.59 38.57 -10.27
C VAL B 218 -9.52 39.94 -9.60
N ASP B 219 -9.25 39.96 -8.28
CA ASP B 219 -8.94 41.16 -7.52
C ASP B 219 -7.49 41.58 -7.76
N PRO B 220 -7.25 42.74 -8.40
CA PRO B 220 -5.89 43.06 -8.85
C PRO B 220 -4.98 43.55 -7.74
N THR B 221 -5.40 43.47 -6.49
CA THR B 221 -4.52 43.78 -5.37
C THR B 221 -3.86 42.53 -4.77
N LYS B 222 -4.12 41.35 -5.32
CA LYS B 222 -3.67 40.10 -4.73
C LYS B 222 -3.26 39.15 -5.86
N ALA B 223 -2.37 38.23 -5.52
CA ALA B 223 -1.93 37.26 -6.52
C ALA B 223 -3.06 36.28 -6.84
N ALA B 224 -3.00 35.68 -8.03
CA ALA B 224 -3.77 34.47 -8.31
C ALA B 224 -2.89 33.27 -8.01
N VAL B 225 -3.48 32.23 -7.42
CA VAL B 225 -2.78 31.05 -6.95
C VAL B 225 -3.59 29.81 -7.34
N ARG B 226 -2.92 28.82 -7.91
CA ARG B 226 -3.58 27.58 -8.27
C ARG B 226 -2.73 26.42 -7.76
N ASP B 227 -3.29 25.60 -6.89
CA ASP B 227 -2.58 24.48 -6.25
C ASP B 227 -3.02 23.17 -6.86
N VAL B 228 -2.04 22.38 -7.29
CA VAL B 228 -2.33 21.21 -8.08
C VAL B 228 -1.43 20.06 -7.61
N LEU B 229 -2.00 18.85 -7.58
CA LEU B 229 -1.26 17.60 -7.35
C LEU B 229 -1.33 16.77 -8.64
N ILE B 230 -0.16 16.45 -9.19
CA ILE B 230 -0.06 15.69 -10.44
C ILE B 230 0.78 14.43 -10.19
N MET B 231 0.29 13.29 -10.66
CA MET B 231 1.06 12.07 -10.64
C MET B 231 1.18 11.48 -12.03
N GLY B 232 2.37 11.04 -12.40
CA GLY B 232 2.57 10.40 -13.68
C GLY B 232 3.05 8.99 -13.47
N TYR B 233 2.47 8.04 -14.21
CA TYR B 233 2.75 6.63 -14.06
C TYR B 233 3.39 6.09 -15.31
N LYS B 234 4.54 5.43 -15.18
CA LYS B 234 5.21 4.84 -16.32
C LYS B 234 5.55 3.38 -16.03
N HIS B 235 5.17 2.49 -16.95
CA HIS B 235 5.41 1.06 -16.81
C HIS B 235 6.90 0.80 -16.93
N GLU B 236 7.51 0.18 -15.93
CA GLU B 236 8.96 -0.03 -15.90
C GLU B 236 9.31 -1.45 -15.48
N PRO B 237 9.13 -2.41 -16.38
CA PRO B 237 9.36 -3.82 -16.01
C PRO B 237 10.75 -4.12 -15.46
N GLU B 238 11.78 -3.33 -15.76
CA GLU B 238 13.12 -3.65 -15.27
C GLU B 238 13.45 -2.91 -14.00
N LEU B 239 12.58 -2.03 -13.53
CA LEU B 239 12.90 -1.26 -12.34
C LEU B 239 13.09 -2.17 -11.14
N ARG B 240 14.12 -1.92 -10.35
CA ARG B 240 14.44 -2.70 -9.15
C ARG B 240 14.17 -1.87 -7.90
N ARG B 241 14.03 -2.56 -6.76
CA ARG B 241 13.94 -1.86 -5.49
C ARG B 241 15.29 -1.28 -5.10
N GLU B 242 15.26 -0.10 -4.50
CA GLU B 242 16.46 0.65 -4.15
C GLU B 242 16.52 0.77 -2.64
N GLU B 243 17.73 0.57 -2.09
CA GLU B 243 17.95 0.49 -0.64
C GLU B 243 18.93 1.57 -0.17
#